data_6Y0L
#
_entry.id   6Y0L
#
_cell.length_a   113.704
_cell.length_b   113.704
_cell.length_c   45.700
_cell.angle_alpha   90.00
_cell.angle_beta   90.00
_cell.angle_gamma   120.00
#
_symmetry.space_group_name_H-M   'P 6 2 2'
#
loop_
_entity.id
_entity.type
_entity.pdbx_description
1 polymer 'Low affinity immunoglobulin epsilon Fc receptor membrane-bound form'
2 non-polymer GLYCEROL
3 non-polymer 'SULFATE ION'
4 water water
#
_entity_poly.entity_id   1
_entity_poly.type   'polypeptide(L)'
_entity_poly.pdbx_seq_one_letter_code
;SGFVCNTCPEKWINFQRKCYYFGKGTKQWVHARYACDDMEGQLVSIHSPEEQDFLTKHASHTGSWIGLRDLDLEGEFIWV
DGSHVDYSNWAPGEPNNGGQGEDCVMMRGSGRWNDAFCDRKLGAWVCDRLATCTPPASEGSAE
;
_entity_poly.pdbx_strand_id   A
#
loop_
_chem_comp.id
_chem_comp.type
_chem_comp.name
_chem_comp.formula
GOL non-polymer GLYCEROL 'C3 H8 O3'
SO4 non-polymer 'SULFATE ION' 'O4 S -2'
#
# COMPACT_ATOMS: atom_id res chain seq x y z
C GLY A 2 -15.74 -20.12 6.38
N PHE A 3 -15.02 -20.10 7.51
CA PHE A 3 -15.51 -19.46 8.72
C PHE A 3 -14.53 -18.45 9.30
N VAL A 4 -13.24 -18.72 9.22
CA VAL A 4 -12.20 -17.81 9.71
C VAL A 4 -11.18 -17.64 8.59
N CYS A 5 -10.95 -16.40 8.16
CA CYS A 5 -10.09 -16.08 7.02
C CYS A 5 -8.88 -15.29 7.51
N ASN A 6 -7.83 -16.00 7.94
CA ASN A 6 -6.59 -15.37 8.36
C ASN A 6 -5.38 -16.11 7.81
N THR A 7 -5.56 -16.97 6.82
CA THR A 7 -4.43 -17.72 6.28
C THR A 7 -3.70 -16.87 5.24
N CYS A 8 -2.37 -16.76 5.37
CA CYS A 8 -1.59 -15.98 4.42
CA CYS A 8 -1.55 -15.95 4.48
C CYS A 8 -0.44 -16.80 3.86
N PRO A 9 0.01 -16.48 2.67
CA PRO A 9 1.18 -17.17 2.12
C PRO A 9 2.44 -16.86 2.93
N GLU A 10 3.42 -17.76 2.81
CA GLU A 10 4.74 -17.50 3.37
C GLU A 10 5.26 -16.13 2.95
N LYS A 11 5.91 -15.45 3.88
CA LYS A 11 6.50 -14.12 3.79
C LYS A 11 5.45 -13.02 3.89
N TRP A 12 4.15 -13.33 3.91
CA TRP A 12 3.10 -12.33 4.11
C TRP A 12 2.64 -12.38 5.56
N ILE A 13 2.08 -11.28 6.06
CA ILE A 13 1.62 -11.18 7.44
C ILE A 13 0.11 -10.89 7.44
N ASN A 14 -0.67 -11.59 8.28
CA ASN A 14 -2.11 -11.40 8.33
C ASN A 14 -2.51 -10.25 9.24
N PHE A 15 -3.46 -9.45 8.79
CA PHE A 15 -4.18 -8.52 9.66
C PHE A 15 -5.64 -8.50 9.20
N GLN A 16 -6.57 -8.73 10.13
CA GLN A 16 -8.00 -8.86 9.83
C GLN A 16 -8.15 -9.87 8.69
N ARG A 17 -8.87 -9.55 7.63
CA ARG A 17 -9.11 -10.50 6.54
C ARG A 17 -8.09 -10.35 5.41
N LYS A 18 -6.98 -9.64 5.64
CA LYS A 18 -6.05 -9.41 4.56
C LYS A 18 -4.66 -9.91 4.93
N CYS A 19 -3.82 -10.03 3.90
CA CYS A 19 -2.41 -10.39 4.03
C CYS A 19 -1.58 -9.28 3.43
N TYR A 20 -0.42 -9.03 4.03
CA TYR A 20 0.40 -7.88 3.67
C TYR A 20 1.83 -8.33 3.46
N TYR A 21 2.46 -7.82 2.42
CA TYR A 21 3.86 -8.09 2.13
C TYR A 21 4.65 -6.78 2.24
N PHE A 22 5.65 -6.78 3.13
CA PHE A 22 6.50 -5.60 3.35
C PHE A 22 7.77 -5.78 2.52
N GLY A 23 7.75 -5.21 1.32
CA GLY A 23 8.83 -5.43 0.38
C GLY A 23 10.01 -4.49 0.62
N LYS A 24 11.20 -4.98 0.28
CA LYS A 24 12.42 -4.19 0.36
CA LYS A 24 12.42 -4.20 0.36
C LYS A 24 13.15 -4.25 -0.98
N GLY A 25 13.55 -3.10 -1.49
CA GLY A 25 14.29 -3.01 -2.72
C GLY A 25 13.97 -1.70 -3.39
N THR A 26 14.84 -1.29 -4.30
CA THR A 26 14.74 0.05 -4.88
C THR A 26 13.73 0.05 -5.99
N LYS A 27 12.65 0.81 -5.83
CA LYS A 27 11.54 0.80 -6.78
C LYS A 27 10.92 2.18 -6.91
N GLN A 28 10.62 2.58 -8.16
CA GLN A 28 9.71 3.66 -8.46
C GLN A 28 8.27 3.17 -8.26
N TRP A 29 7.30 4.09 -8.30
CA TRP A 29 5.94 3.68 -7.92
C TRP A 29 5.40 2.62 -8.85
N VAL A 30 5.51 2.81 -10.17
CA VAL A 30 4.86 1.86 -11.05
CA VAL A 30 4.91 1.87 -11.10
C VAL A 30 5.63 0.56 -10.99
N HIS A 31 6.88 0.65 -10.62
CA HIS A 31 7.59 -0.55 -10.40
CA HIS A 31 7.61 -0.58 -10.39
C HIS A 31 7.05 -1.40 -9.26
N ALA A 32 6.85 -0.77 -8.12
CA ALA A 32 6.22 -1.45 -7.00
C ALA A 32 4.84 -1.97 -7.37
N ARG A 33 4.09 -1.21 -8.17
CA ARG A 33 2.76 -1.69 -8.59
CA ARG A 33 2.76 -1.68 -8.61
C ARG A 33 2.86 -3.03 -9.29
N TYR A 34 3.79 -3.14 -10.26
CA TYR A 34 3.91 -4.39 -11.01
C TYR A 34 4.54 -5.49 -10.15
N ALA A 35 5.44 -5.12 -9.24
CA ALA A 35 6.03 -6.15 -8.39
C ALA A 35 4.96 -6.80 -7.50
N CYS A 36 4.03 -6.00 -6.99
CA CYS A 36 2.94 -6.60 -6.21
C CYS A 36 2.07 -7.49 -7.06
N ASP A 37 1.72 -7.00 -8.27
CA ASP A 37 0.91 -7.79 -9.20
C ASP A 37 1.58 -9.11 -9.53
N ASP A 38 2.92 -9.12 -9.65
CA ASP A 38 3.64 -10.36 -9.96
C ASP A 38 3.49 -11.40 -8.85
N MET A 39 3.27 -10.95 -7.63
CA MET A 39 3.07 -11.81 -6.47
C MET A 39 1.60 -12.12 -6.21
N GLU A 40 0.72 -11.81 -7.17
CA GLU A 40 -0.72 -12.02 -7.00
C GLU A 40 -1.28 -11.18 -5.86
N GLY A 41 -0.72 -9.99 -5.68
CA GLY A 41 -1.27 -9.00 -4.78
C GLY A 41 -1.43 -7.69 -5.51
N GLN A 42 -1.57 -6.59 -4.76
CA GLN A 42 -1.72 -5.26 -5.31
C GLN A 42 -1.01 -4.33 -4.37
N LEU A 43 -0.51 -3.21 -4.88
CA LEU A 43 0.00 -2.18 -3.95
C LEU A 43 -1.09 -1.84 -2.93
N VAL A 44 -0.71 -1.70 -1.64
CA VAL A 44 -1.69 -1.77 -0.56
C VAL A 44 -2.71 -0.67 -0.67
N SER A 45 -3.97 -0.97 -0.31
CA SER A 45 -4.99 0.06 -0.15
C SER A 45 -5.34 0.11 1.33
N ILE A 46 -5.65 1.30 1.83
CA ILE A 46 -5.76 1.53 3.27
C ILE A 46 -7.12 2.19 3.54
N HIS A 47 -7.94 1.55 4.37
CA HIS A 47 -9.32 2.00 4.47
C HIS A 47 -9.81 2.13 5.91
N SER A 48 -8.94 2.14 6.90
CA SER A 48 -9.37 2.34 8.28
C SER A 48 -8.17 2.68 9.12
N PRO A 49 -8.37 3.31 10.28
CA PRO A 49 -7.22 3.59 11.16
C PRO A 49 -6.60 2.32 11.71
N GLU A 50 -7.40 1.26 11.90
CA GLU A 50 -6.85 0.01 12.43
C GLU A 50 -5.88 -0.59 11.45
N GLU A 51 -6.24 -0.56 10.16
CA GLU A 51 -5.32 -1.06 9.13
C GLU A 51 -4.06 -0.21 9.07
N GLN A 52 -4.22 1.11 9.11
CA GLN A 52 -3.06 1.98 9.07
C GLN A 52 -2.14 1.73 10.27
N ASP A 53 -2.72 1.56 11.45
CA ASP A 53 -1.91 1.33 12.64
C ASP A 53 -1.10 0.05 12.51
N PHE A 54 -1.69 -0.98 11.91
CA PHE A 54 -0.96 -2.20 11.63
C PHE A 54 0.19 -1.94 10.66
N LEU A 55 -0.10 -1.23 9.55
CA LEU A 55 0.94 -0.92 8.58
C LEU A 55 2.08 -0.12 9.23
N THR A 56 1.73 0.85 10.07
CA THR A 56 2.75 1.66 10.71
C THR A 56 3.70 0.80 11.54
N LYS A 57 3.15 -0.19 12.24
CA LYS A 57 3.98 -1.05 13.07
CA LYS A 57 4.00 -1.03 13.08
C LYS A 57 5.07 -1.73 12.24
N HIS A 58 4.77 -2.08 10.99
CA HIS A 58 5.69 -2.82 10.14
C HIS A 58 6.32 -1.97 9.06
N ALA A 59 6.02 -0.68 9.00
CA ALA A 59 6.49 0.16 7.89
C ALA A 59 7.99 0.36 7.97
N SER A 60 8.61 0.37 6.80
CA SER A 60 10.00 0.77 6.69
C SER A 60 10.21 2.19 7.21
N HIS A 61 11.31 2.40 7.92
CA HIS A 61 11.61 3.73 8.45
C HIS A 61 11.92 4.75 7.37
N THR A 62 12.27 4.33 6.16
CA THR A 62 12.73 5.29 5.16
C THR A 62 11.74 5.48 4.01
N GLY A 63 10.50 5.06 4.19
CA GLY A 63 9.45 5.37 3.20
C GLY A 63 9.10 4.21 2.29
N SER A 64 7.80 4.07 2.02
CA SER A 64 7.27 2.92 1.28
C SER A 64 6.22 3.42 0.29
N TRP A 65 6.23 2.84 -0.91
CA TRP A 65 5.12 3.12 -1.79
C TRP A 65 3.85 2.40 -1.33
N ILE A 66 2.70 3.10 -1.45
CA ILE A 66 1.39 2.51 -1.25
C ILE A 66 0.56 2.68 -2.53
N GLY A 67 -0.63 2.06 -2.57
CA GLY A 67 -1.34 1.87 -3.81
C GLY A 67 -2.22 3.02 -4.24
N LEU A 68 -1.82 4.25 -3.94
CA LEU A 68 -2.65 5.43 -4.21
C LEU A 68 -1.92 6.35 -5.19
N ARG A 69 -2.61 6.81 -6.23
CA ARG A 69 -2.03 7.80 -7.14
C ARG A 69 -3.14 8.63 -7.76
N ASP A 70 -2.77 9.82 -8.21
CA ASP A 70 -3.70 10.79 -8.78
C ASP A 70 -3.92 10.45 -10.26
N LEU A 71 -5.17 10.21 -10.64
CA LEU A 71 -5.52 9.81 -11.99
C LEU A 71 -6.06 11.02 -12.72
N ASP A 72 -5.56 11.23 -13.94
CA ASP A 72 -5.82 12.48 -14.62
C ASP A 72 -7.27 12.57 -15.08
N LEU A 73 -7.81 11.49 -15.63
CA LEU A 73 -9.15 11.57 -16.20
C LEU A 73 -10.21 11.67 -15.11
N GLU A 74 -10.08 10.85 -14.05
CA GLU A 74 -10.98 10.97 -12.90
C GLU A 74 -10.72 12.25 -12.11
N GLY A 75 -9.51 12.77 -12.14
CA GLY A 75 -9.21 13.98 -11.41
C GLY A 75 -9.20 13.78 -9.90
N GLU A 76 -8.70 12.64 -9.43
CA GLU A 76 -8.59 12.46 -7.99
C GLU A 76 -7.69 11.26 -7.71
N PHE A 77 -7.20 11.22 -6.46
CA PHE A 77 -6.46 10.06 -5.97
C PHE A 77 -7.38 8.84 -5.90
N ILE A 78 -6.96 7.74 -6.54
CA ILE A 78 -7.72 6.50 -6.54
C ILE A 78 -6.79 5.34 -6.24
N TRP A 79 -7.24 4.39 -5.41
CA TRP A 79 -6.43 3.22 -5.07
C TRP A 79 -6.30 2.30 -6.28
N VAL A 80 -5.24 1.48 -6.28
CA VAL A 80 -5.03 0.63 -7.46
CA VAL A 80 -4.99 0.58 -7.41
C VAL A 80 -6.18 -0.34 -7.67
N ASP A 81 -6.98 -0.66 -6.64
CA ASP A 81 -8.10 -1.56 -6.86
C ASP A 81 -9.36 -0.82 -7.27
N GLY A 82 -9.25 0.48 -7.55
CA GLY A 82 -10.36 1.28 -8.00
C GLY A 82 -11.17 1.90 -6.89
N SER A 83 -10.85 1.60 -5.64
CA SER A 83 -11.63 2.19 -4.53
C SER A 83 -11.25 3.65 -4.32
N HIS A 84 -12.17 4.39 -3.71
CA HIS A 84 -12.00 5.82 -3.43
CA HIS A 84 -11.87 5.79 -3.48
C HIS A 84 -11.28 5.99 -2.10
N VAL A 85 -10.82 7.21 -1.85
CA VAL A 85 -10.18 7.53 -0.58
C VAL A 85 -11.29 7.87 0.40
N ASP A 86 -11.55 6.99 1.35
CA ASP A 86 -12.43 7.40 2.44
C ASP A 86 -11.56 7.73 3.65
N TYR A 87 -10.88 6.73 4.19
CA TYR A 87 -9.83 6.95 5.17
C TYR A 87 -8.63 7.65 4.52
N SER A 88 -8.05 8.64 5.21
CA SER A 88 -6.76 9.15 4.75
C SER A 88 -5.85 9.37 5.96
N ASN A 89 -4.55 9.35 5.70
CA ASN A 89 -3.55 9.56 6.75
C ASN A 89 -2.45 10.47 6.26
N TRP A 90 -2.82 11.53 5.53
CA TRP A 90 -1.83 12.50 5.08
C TRP A 90 -1.05 13.08 6.25
N ALA A 91 0.25 13.29 6.00
CA ALA A 91 1.02 14.13 6.90
C ALA A 91 0.44 15.55 6.88
N PRO A 92 0.57 16.29 7.97
CA PRO A 92 0.06 17.67 7.98
C PRO A 92 0.62 18.48 6.82
N GLY A 93 -0.26 19.16 6.09
CA GLY A 93 0.13 19.94 4.93
C GLY A 93 0.09 19.16 3.65
N GLU A 94 0.01 17.86 3.72
CA GLU A 94 -0.08 17.02 2.54
C GLU A 94 -1.54 16.77 2.19
N PRO A 95 -1.82 16.46 0.91
CA PRO A 95 -0.83 16.43 -0.19
C PRO A 95 -0.59 17.83 -0.72
N ASN A 96 0.50 18.10 -1.42
CA ASN A 96 0.52 19.38 -2.14
C ASN A 96 0.86 19.20 -3.61
N GLN A 100 2.35 20.97 -9.28
CA GLN A 100 1.97 19.86 -10.15
C GLN A 100 3.12 18.87 -10.38
N GLY A 101 2.78 17.60 -10.60
CA GLY A 101 3.77 16.58 -10.88
C GLY A 101 3.78 15.42 -9.89
N GLU A 102 3.63 15.70 -8.60
CA GLU A 102 3.78 14.64 -7.60
C GLU A 102 2.48 13.86 -7.50
N ASP A 103 2.34 12.87 -8.38
CA ASP A 103 1.09 12.13 -8.49
C ASP A 103 1.04 10.84 -7.69
N CYS A 104 2.15 10.35 -7.13
CA CYS A 104 2.11 9.04 -6.47
C CYS A 104 2.21 9.21 -4.96
N VAL A 105 1.75 8.22 -4.20
CA VAL A 105 1.65 8.41 -2.75
C VAL A 105 2.57 7.42 -2.05
N MET A 106 3.35 7.93 -1.10
CA MET A 106 4.20 7.10 -0.25
C MET A 106 3.81 7.27 1.21
N MET A 107 4.23 6.30 1.98
CA MET A 107 4.03 6.25 3.43
C MET A 107 5.38 6.41 4.13
N ARG A 108 5.44 7.37 5.06
CA ARG A 108 6.66 7.64 5.79
C ARG A 108 6.82 6.63 6.92
N GLY A 109 7.99 6.66 7.57
CA GLY A 109 8.19 5.75 8.69
C GLY A 109 7.18 5.97 9.79
N SER A 110 6.63 7.18 9.88
CA SER A 110 5.58 7.48 10.85
C SER A 110 4.22 6.87 10.47
N GLY A 111 4.10 6.27 9.28
CA GLY A 111 2.79 5.91 8.75
C GLY A 111 2.09 7.02 7.98
N ARG A 112 2.51 8.25 8.12
CA ARG A 112 1.82 9.36 7.47
CA ARG A 112 1.80 9.35 7.47
C ARG A 112 2.16 9.40 5.99
N TRP A 113 1.22 9.91 5.17
CA TRP A 113 1.40 9.87 3.73
C TRP A 113 1.88 11.21 3.17
N ASN A 114 2.61 11.15 2.06
CA ASN A 114 2.84 12.37 1.28
C ASN A 114 2.81 12.03 -0.21
N ASP A 115 2.53 13.03 -1.02
CA ASP A 115 2.61 12.76 -2.45
C ASP A 115 4.05 12.96 -2.88
N ALA A 116 4.38 12.40 -4.05
CA ALA A 116 5.76 12.34 -4.49
C ALA A 116 5.78 12.15 -6.00
N PHE A 117 6.90 12.50 -6.61
CA PHE A 117 7.08 12.19 -8.03
C PHE A 117 7.09 10.68 -8.20
N CYS A 118 6.42 10.21 -9.26
CA CYS A 118 6.27 8.79 -9.40
C CYS A 118 7.57 8.11 -9.73
N ASP A 119 8.57 8.85 -10.21
CA ASP A 119 9.85 8.21 -10.50
C ASP A 119 10.80 8.25 -9.32
N ARG A 120 10.33 8.74 -8.16
CA ARG A 120 11.17 8.69 -6.98
C ARG A 120 11.50 7.24 -6.68
N LYS A 121 12.74 6.98 -6.28
CA LYS A 121 13.15 5.63 -5.88
C LYS A 121 13.04 5.51 -4.36
N LEU A 122 12.22 4.56 -3.89
CA LEU A 122 12.08 4.25 -2.46
C LEU A 122 12.63 2.85 -2.19
N GLY A 123 13.03 2.62 -0.94
CA GLY A 123 13.57 1.31 -0.65
C GLY A 123 12.55 0.30 -0.16
N ALA A 124 11.25 0.62 -0.19
CA ALA A 124 10.25 -0.28 0.36
C ALA A 124 8.92 -0.02 -0.31
N TRP A 125 8.02 -0.98 -0.15
CA TRP A 125 6.68 -0.89 -0.74
CA TRP A 125 6.70 -0.91 -0.76
C TRP A 125 5.86 -2.00 -0.09
N VAL A 126 4.53 -1.80 -0.08
CA VAL A 126 3.65 -2.74 0.62
C VAL A 126 2.60 -3.26 -0.34
N CYS A 127 2.45 -4.60 -0.41
CA CYS A 127 1.38 -5.25 -1.18
C CYS A 127 0.34 -5.83 -0.24
N ASP A 128 -0.88 -5.98 -0.76
CA ASP A 128 -1.85 -6.73 0.00
C ASP A 128 -2.62 -7.68 -0.90
N ARG A 129 -3.34 -8.60 -0.26
CA ARG A 129 -4.22 -9.55 -0.92
C ARG A 129 -5.20 -10.02 0.15
N LEU A 130 -6.22 -10.76 -0.27
CA LEU A 130 -7.15 -11.31 0.71
C LEU A 130 -6.61 -12.59 1.35
N ALA A 131 -6.85 -12.73 2.66
CA ALA A 131 -6.52 -13.99 3.32
C ALA A 131 -7.46 -15.11 2.88
N THR A 132 -6.97 -16.34 2.93
CA THR A 132 -7.84 -17.48 2.66
C THR A 132 -8.35 -18.08 3.98
N CYS A 133 -9.31 -19.02 3.86
CA CYS A 133 -10.19 -19.34 4.98
C CYS A 133 -10.11 -20.81 5.37
N THR A 134 -10.43 -21.07 6.62
CA THR A 134 -10.41 -22.44 7.13
C THR A 134 -11.45 -23.30 6.40
N PRO A 135 -11.09 -24.55 6.07
CA PRO A 135 -11.93 -25.36 5.14
C PRO A 135 -13.03 -26.12 5.84
N PRO A 136 -13.89 -26.84 5.11
CA PRO A 136 -14.82 -27.78 5.75
C PRO A 136 -14.13 -29.09 6.10
N ALA A 137 -14.62 -29.69 7.18
CA ALA A 137 -14.04 -30.92 7.70
C ALA A 137 -14.28 -32.10 6.75
C1 GOL B . 12.31 -1.71 8.97
O1 GOL B . 11.95 -0.95 10.08
C2 GOL B . 13.70 -1.20 8.47
O2 GOL B . 14.09 -1.86 7.29
C3 GOL B . 13.50 0.27 8.24
O3 GOL B . 14.58 0.71 7.46
C1 GOL C . 0.45 -14.04 10.56
O1 GOL C . 0.45 -13.24 9.49
C2 GOL C . 0.48 -15.46 9.99
O2 GOL C . -0.42 -15.61 8.92
C3 GOL C . 2.00 -15.74 9.55
O3 GOL C . 2.76 -14.55 9.78
C1 GOL D . -1.69 7.89 -12.42
O1 GOL D . -1.18 8.92 -13.21
C2 GOL D . -1.49 6.49 -13.11
O2 GOL D . -1.62 5.43 -12.21
C3 GOL D . -2.47 6.38 -14.34
O3 GOL D . -2.22 7.41 -15.29
S SO4 E . 5.88 12.78 9.99
O1 SO4 E . 7.24 12.62 9.45
O2 SO4 E . 5.06 11.70 9.49
O3 SO4 E . 5.92 12.72 11.46
O4 SO4 E . 5.29 14.05 9.57
#